data_8TLL
#
_entry.id   8TLL
#
_cell.length_a   87.710
_cell.length_b   60.724
_cell.length_c   84.106
_cell.angle_alpha   90.000
_cell.angle_beta   113.960
_cell.angle_gamma   90.000
#
_symmetry.space_group_name_H-M   'C 1 2 1'
#
loop_
_entity.id
_entity.type
_entity.pdbx_description
1 polymer 'Cell division cycle-associated protein 7'
2 polymer 'DNA (26-MER)'
3 non-polymer 1,2-ETHANEDIOL
4 non-polymer 'ZINC ION'
5 non-polymer GLYCEROL
6 non-polymer 'MAGNESIUM ION'
7 water water
#
loop_
_entity_poly.entity_id
_entity_poly.type
_entity_poly.pdbx_seq_one_letter_code
_entity_poly.pdbx_strand_id
1 'polypeptide(L)'
;GPLGSMTLPHIIRPVEEVTEEEIRNICSNSREKIYNRSLGSTCHQCRQKTTDTKTNCRNPDCWGIRGQFCGPCLRNRYGE
EVKDALLDPNWHCPPCRGICNCSFCRQRDGRCATGVLVYLAKYHGFGNVHAYLKSLKQEFEMQA
;
A,B
2 'polydeoxyribonucleotide'
;(DC)(DG)(DC)(DC)(DC)(DT)(DG)(DT)(DC)(DG)(DC)(DT)(DG)(DA)(DG)(DA)(DA)(DG)(DC)(DG)
(DT)(DT)(DT)(DG)(DC)(DG)
;
X,C
#
# COMPACT_ATOMS: atom_id res chain seq x y z
N MET A 6 -13.96 -1.82 13.32
CA MET A 6 -14.22 -3.24 13.19
C MET A 6 -13.95 -3.72 11.76
N THR A 7 -13.92 -2.77 10.83
CA THR A 7 -13.71 -3.11 9.43
C THR A 7 -12.30 -3.63 9.21
N LEU A 8 -12.17 -4.83 8.66
CA LEU A 8 -10.86 -5.38 8.35
C LEU A 8 -10.26 -4.61 7.18
N PRO A 9 -9.03 -4.12 7.32
CA PRO A 9 -8.43 -3.34 6.23
C PRO A 9 -8.28 -4.16 4.96
N HIS A 10 -8.52 -3.52 3.82
CA HIS A 10 -8.36 -4.15 2.52
C HIS A 10 -6.96 -3.87 1.99
N ILE A 11 -6.20 -4.93 1.73
CA ILE A 11 -4.83 -4.83 1.24
C ILE A 11 -4.75 -5.56 -0.09
N ILE A 12 -4.25 -4.89 -1.11
CA ILE A 12 -4.16 -5.45 -2.45
C ILE A 12 -2.86 -6.27 -2.54
N ARG A 13 -3.00 -7.58 -2.68
CA ARG A 13 -1.83 -8.44 -2.85
C ARG A 13 -1.43 -8.46 -4.31
N PRO A 14 -0.21 -8.03 -4.66
CA PRO A 14 0.21 -8.06 -6.06
C PRO A 14 0.25 -9.48 -6.60
N VAL A 15 -0.04 -9.61 -7.89
CA VAL A 15 -0.10 -10.93 -8.51
C VAL A 15 1.27 -11.62 -8.44
N GLU A 16 2.35 -10.85 -8.61
CA GLU A 16 3.68 -11.41 -8.47
C GLU A 16 3.98 -11.84 -7.04
N GLU A 17 3.23 -11.35 -6.06
CA GLU A 17 3.44 -11.69 -4.67
C GLU A 17 2.51 -12.81 -4.20
N VAL A 18 1.82 -13.47 -5.11
CA VAL A 18 0.91 -14.56 -4.76
C VAL A 18 1.68 -15.87 -4.81
N THR A 19 1.63 -16.62 -3.70
CA THR A 19 2.43 -17.82 -3.51
C THR A 19 1.73 -19.05 -4.08
N GLU A 20 2.53 -19.99 -4.59
CA GLU A 20 1.99 -21.26 -5.04
C GLU A 20 1.39 -22.05 -3.90
N GLU A 21 1.86 -21.83 -2.67
CA GLU A 21 1.23 -22.44 -1.51
C GLU A 21 -0.18 -21.88 -1.31
N GLU A 22 -0.36 -20.58 -1.54
CA GLU A 22 -1.70 -19.99 -1.46
C GLU A 22 -2.60 -20.56 -2.55
N ILE A 23 -2.04 -20.77 -3.75
CA ILE A 23 -2.83 -21.31 -4.85
C ILE A 23 -3.29 -22.72 -4.54
N ARG A 24 -2.40 -23.56 -4.00
CA ARG A 24 -2.79 -24.93 -3.73
C ARG A 24 -3.72 -25.04 -2.53
N ASN A 25 -3.84 -23.97 -1.74
CA ASN A 25 -4.73 -23.93 -0.58
C ASN A 25 -6.11 -23.39 -0.90
N ILE A 26 -6.44 -23.26 -2.19
CA ILE A 26 -7.79 -22.90 -2.58
C ILE A 26 -8.72 -24.08 -2.28
N CYS A 27 -9.87 -23.79 -1.71
CA CYS A 27 -10.84 -24.84 -1.40
C CYS A 27 -11.45 -25.41 -2.68
N SER A 28 -11.66 -26.72 -2.68
CA SER A 28 -12.23 -27.41 -3.82
C SER A 28 -13.62 -27.98 -3.56
N ASN A 29 -13.87 -28.45 -2.34
CA ASN A 29 -15.17 -28.95 -1.94
C ASN A 29 -15.62 -28.20 -0.69
N SER A 30 -16.87 -27.74 -0.69
CA SER A 30 -17.36 -26.92 0.40
C SER A 30 -17.31 -27.65 1.74
N ARG A 31 -17.69 -28.93 1.74
CA ARG A 31 -17.75 -29.69 2.99
C ARG A 31 -16.38 -30.02 3.57
N GLU A 32 -15.30 -29.81 2.81
CA GLU A 32 -13.95 -30.09 3.28
C GLU A 32 -13.24 -28.83 3.76
N LYS A 33 -13.98 -27.90 4.36
CA LYS A 33 -13.42 -26.65 4.86
C LYS A 33 -13.00 -26.78 6.31
N ILE A 34 -12.06 -25.93 6.71
CA ILE A 34 -11.54 -25.89 8.07
C ILE A 34 -11.91 -24.54 8.66
N TYR A 35 -12.78 -24.55 9.66
CA TYR A 35 -13.17 -23.33 10.36
C TYR A 35 -12.11 -22.94 11.37
N ASN A 36 -11.79 -21.64 11.41
CA ASN A 36 -10.83 -21.13 12.37
C ASN A 36 -11.23 -19.69 12.70
N ARG A 37 -11.64 -19.46 13.95
CA ARG A 37 -12.08 -18.12 14.36
C ARG A 37 -10.94 -17.12 14.43
N SER A 38 -9.69 -17.57 14.39
CA SER A 38 -8.54 -16.69 14.55
C SER A 38 -7.82 -16.41 13.24
N LEU A 39 -7.41 -17.46 12.52
CA LEU A 39 -6.65 -17.31 11.29
C LEU A 39 -7.50 -17.43 10.03
N GLY A 40 -8.76 -17.85 10.16
CA GLY A 40 -9.60 -18.00 8.99
C GLY A 40 -10.06 -16.68 8.43
N SER A 41 -10.52 -16.72 7.18
CA SER A 41 -11.10 -15.56 6.52
C SER A 41 -12.51 -15.89 6.08
N THR A 42 -13.36 -14.88 6.01
CA THR A 42 -14.77 -15.06 5.68
C THR A 42 -14.96 -14.86 4.18
N CYS A 43 -15.70 -15.78 3.57
CA CYS A 43 -16.17 -15.62 2.20
C CYS A 43 -17.42 -14.75 2.20
N HIS A 44 -17.43 -13.72 1.36
CA HIS A 44 -18.57 -12.81 1.33
C HIS A 44 -19.85 -13.53 0.92
N GLN A 45 -19.74 -14.54 0.06
CA GLN A 45 -20.93 -15.21 -0.46
C GLN A 45 -21.52 -16.18 0.56
N CYS A 46 -20.75 -17.19 0.96
CA CYS A 46 -21.30 -18.20 1.88
C CYS A 46 -21.19 -17.80 3.34
N ARG A 47 -20.47 -16.72 3.65
CA ARG A 47 -20.36 -16.18 5.01
C ARG A 47 -19.83 -17.24 5.99
N GLN A 48 -18.84 -18.00 5.53
CA GLN A 48 -18.12 -18.95 6.37
C GLN A 48 -16.69 -18.48 6.54
N LYS A 49 -16.23 -18.44 7.80
CA LYS A 49 -14.87 -18.02 8.13
C LYS A 49 -14.01 -19.27 8.21
N THR A 50 -13.25 -19.54 7.14
CA THR A 50 -12.41 -20.72 7.04
C THR A 50 -11.02 -20.32 6.57
N THR A 51 -10.10 -21.30 6.58
CA THR A 51 -8.70 -21.05 6.30
C THR A 51 -8.32 -21.17 4.83
N ASP A 52 -9.25 -21.61 3.99
CA ASP A 52 -8.95 -21.78 2.57
C ASP A 52 -8.68 -20.44 1.91
N THR A 53 -7.77 -20.44 0.95
CA THR A 53 -7.39 -19.21 0.25
C THR A 53 -8.59 -18.61 -0.47
N LYS A 54 -8.73 -17.29 -0.36
CA LYS A 54 -9.86 -16.58 -0.95
C LYS A 54 -9.36 -15.43 -1.81
N THR A 55 -10.24 -14.94 -2.66
CA THR A 55 -9.87 -13.93 -3.63
C THR A 55 -9.54 -12.60 -2.97
N ASN A 56 -8.86 -11.74 -3.71
CA ASN A 56 -8.46 -10.42 -3.26
C ASN A 56 -8.83 -9.40 -4.32
N CYS A 57 -9.71 -8.47 -3.96
CA CYS A 57 -10.14 -7.46 -4.92
C CYS A 57 -9.02 -6.45 -5.16
N ARG A 58 -8.86 -6.05 -6.43
CA ARG A 58 -7.84 -5.09 -6.82
C ARG A 58 -8.38 -3.68 -6.99
N ASN A 59 -9.65 -3.44 -6.72
CA ASN A 59 -10.20 -2.10 -6.83
C ASN A 59 -9.69 -1.23 -5.69
N PRO A 60 -9.02 -0.11 -5.97
CA PRO A 60 -8.52 0.73 -4.86
C PRO A 60 -9.62 1.22 -3.93
N ASP A 61 -10.80 1.56 -4.46
CA ASP A 61 -11.87 2.08 -3.63
C ASP A 61 -12.63 0.98 -2.90
N CYS A 62 -12.37 -0.29 -3.21
CA CYS A 62 -12.99 -1.38 -2.47
C CYS A 62 -12.50 -1.38 -1.02
N TRP A 63 -13.28 -2.00 -0.15
CA TRP A 63 -12.99 -1.98 1.27
C TRP A 63 -13.54 -3.23 1.92
N GLY A 64 -13.03 -3.52 3.12
CA GLY A 64 -13.63 -4.55 3.96
C GLY A 64 -13.44 -5.95 3.40
N ILE A 65 -14.44 -6.79 3.61
CA ILE A 65 -14.34 -8.22 3.34
C ILE A 65 -15.11 -8.65 2.09
N ARG A 66 -15.86 -7.75 1.46
CA ARG A 66 -16.76 -8.11 0.38
C ARG A 66 -16.04 -8.59 -0.88
N GLY A 67 -14.72 -8.42 -0.96
CA GLY A 67 -13.96 -8.95 -2.07
C GLY A 67 -13.43 -10.36 -1.90
N GLN A 68 -13.74 -11.01 -0.78
CA GLN A 68 -13.20 -12.33 -0.48
C GLN A 68 -14.23 -13.40 -0.77
N PHE A 69 -13.90 -14.31 -1.67
CA PHE A 69 -14.78 -15.40 -2.07
C PHE A 69 -14.02 -16.71 -1.98
N CYS A 70 -14.69 -17.73 -1.47
CA CYS A 70 -14.07 -19.05 -1.40
C CYS A 70 -14.09 -19.73 -2.77
N GLY A 71 -13.35 -20.83 -2.87
CA GLY A 71 -13.25 -21.59 -4.09
C GLY A 71 -14.60 -22.01 -4.65
N PRO A 72 -15.36 -22.80 -3.87
CA PRO A 72 -16.68 -23.22 -4.35
C PRO A 72 -17.60 -22.07 -4.71
N CYS A 73 -17.56 -20.96 -3.96
CA CYS A 73 -18.56 -19.92 -4.17
C CYS A 73 -18.34 -19.18 -5.49
N LEU A 74 -17.09 -18.86 -5.83
CA LEU A 74 -16.82 -18.10 -7.04
C LEU A 74 -17.13 -18.93 -8.29
N ARG A 75 -16.86 -20.23 -8.25
CA ARG A 75 -17.07 -21.07 -9.42
C ARG A 75 -18.50 -21.57 -9.54
N ASN A 76 -19.31 -21.45 -8.49
CA ASN A 76 -20.70 -21.90 -8.55
C ASN A 76 -21.69 -20.76 -8.68
N ARG A 77 -21.37 -19.60 -8.11
CA ARG A 77 -22.24 -18.44 -8.21
C ARG A 77 -21.83 -17.47 -9.30
N TYR A 78 -20.60 -17.57 -9.81
CA TYR A 78 -20.12 -16.64 -10.82
C TYR A 78 -19.33 -17.28 -11.96
N GLY A 79 -19.14 -18.58 -11.95
CA GLY A 79 -18.44 -19.25 -13.06
C GLY A 79 -17.01 -18.79 -13.25
N GLU A 80 -16.31 -18.49 -12.17
CA GLU A 80 -14.92 -18.03 -12.23
C GLU A 80 -14.09 -18.82 -11.23
N GLU A 81 -12.79 -18.91 -11.51
CA GLU A 81 -11.87 -19.64 -10.67
C GLU A 81 -11.03 -18.67 -9.82
N VAL A 82 -10.84 -19.04 -8.55
CA VAL A 82 -10.08 -18.20 -7.63
C VAL A 82 -8.63 -18.08 -8.10
N LYS A 83 -8.06 -19.17 -8.64
CA LYS A 83 -6.69 -19.12 -9.14
C LYS A 83 -6.55 -18.09 -10.26
N ASP A 84 -7.58 -17.97 -11.12
CA ASP A 84 -7.52 -16.97 -12.18
C ASP A 84 -7.73 -15.56 -11.62
N ALA A 85 -8.60 -15.41 -10.62
CA ALA A 85 -8.84 -14.11 -10.04
C ALA A 85 -7.64 -13.61 -9.23
N LEU A 86 -6.96 -14.52 -8.52
CA LEU A 86 -5.79 -14.12 -7.74
C LEU A 86 -4.65 -13.64 -8.62
N LEU A 87 -4.50 -14.22 -9.82
CA LEU A 87 -3.45 -13.81 -10.76
C LEU A 87 -3.94 -12.80 -11.80
N ASP A 88 -5.21 -12.40 -11.74
CA ASP A 88 -5.74 -11.40 -12.66
C ASP A 88 -5.34 -10.00 -12.20
N PRO A 89 -4.59 -9.24 -12.99
CA PRO A 89 -4.20 -7.89 -12.55
C PRO A 89 -5.38 -6.96 -12.31
N ASN A 90 -6.47 -7.10 -13.07
CA ASN A 90 -7.57 -6.15 -13.06
C ASN A 90 -8.84 -6.73 -12.46
N TRP A 91 -8.73 -7.80 -11.68
CA TRP A 91 -9.94 -8.46 -11.19
C TRP A 91 -10.63 -7.60 -10.14
N HIS A 92 -11.93 -7.38 -10.33
CA HIS A 92 -12.79 -6.72 -9.37
C HIS A 92 -13.81 -7.73 -8.85
N CYS A 93 -14.14 -7.63 -7.57
CA CYS A 93 -15.08 -8.56 -7.00
C CYS A 93 -16.48 -8.33 -7.58
N PRO A 94 -17.36 -9.33 -7.50
CA PRO A 94 -18.72 -9.17 -8.01
C PRO A 94 -19.45 -7.99 -7.37
N PRO A 95 -19.25 -7.70 -6.07
CA PRO A 95 -19.83 -6.46 -5.55
C PRO A 95 -19.37 -5.21 -6.29
N CYS A 96 -18.08 -5.13 -6.64
CA CYS A 96 -17.60 -4.00 -7.43
C CYS A 96 -18.19 -4.00 -8.83
N ARG A 97 -18.29 -5.17 -9.46
CA ARG A 97 -18.96 -5.27 -10.75
C ARG A 97 -20.46 -5.11 -10.64
N GLY A 98 -21.01 -5.11 -9.44
CA GLY A 98 -22.45 -5.01 -9.27
C GLY A 98 -23.19 -6.22 -9.79
N ILE A 99 -22.64 -7.41 -9.60
CA ILE A 99 -23.24 -8.63 -10.11
C ILE A 99 -23.37 -9.66 -8.99
N CYS A 100 -23.19 -9.22 -7.75
CA CYS A 100 -23.21 -10.17 -6.64
C CYS A 100 -24.63 -10.69 -6.42
N ASN A 101 -24.75 -12.01 -6.33
CA ASN A 101 -26.03 -12.66 -6.13
C ASN A 101 -26.14 -13.33 -4.76
N CYS A 102 -25.42 -12.80 -3.77
CA CYS A 102 -25.54 -13.34 -2.43
C CYS A 102 -26.90 -13.00 -1.83
N SER A 103 -27.20 -13.60 -0.68
CA SER A 103 -28.50 -13.42 -0.04
C SER A 103 -28.81 -11.95 0.18
N PHE A 104 -27.80 -11.19 0.61
CA PHE A 104 -28.02 -9.77 0.89
C PHE A 104 -27.98 -8.94 -0.38
N CYS A 105 -26.96 -9.13 -1.22
CA CYS A 105 -26.73 -8.23 -2.35
C CYS A 105 -27.87 -8.28 -3.35
N ARG A 106 -28.41 -9.47 -3.62
CA ARG A 106 -29.48 -9.56 -4.61
C ARG A 106 -30.81 -9.00 -4.08
N GLN A 107 -30.90 -8.68 -2.80
CA GLN A 107 -32.07 -8.02 -2.25
C GLN A 107 -31.90 -6.51 -2.17
N ARG A 108 -30.74 -6.02 -1.73
CA ARG A 108 -30.49 -4.59 -1.64
C ARG A 108 -29.93 -4.04 -2.95
N MET C 6 24.88 -1.20 0.25
CA MET C 6 25.03 0.13 0.83
C MET C 6 23.71 0.90 0.79
N THR C 7 22.62 0.20 0.53
CA THR C 7 21.30 0.82 0.47
C THR C 7 20.83 1.16 1.88
N LEU C 8 20.57 2.44 2.14
CA LEU C 8 20.07 2.83 3.45
C LEU C 8 18.64 2.35 3.61
N PRO C 9 18.33 1.53 4.61
CA PRO C 9 16.99 0.96 4.73
C PRO C 9 15.93 2.05 4.90
N HIS C 10 14.77 1.82 4.28
CA HIS C 10 13.67 2.77 4.35
C HIS C 10 12.71 2.36 5.46
N ILE C 11 12.61 3.19 6.49
CA ILE C 11 11.75 2.94 7.64
C ILE C 11 10.64 3.98 7.64
N ILE C 12 9.40 3.52 7.70
CA ILE C 12 8.25 4.41 7.67
C ILE C 12 8.01 4.96 9.08
N ARG C 13 8.10 6.28 9.22
CA ARG C 13 7.82 6.92 10.50
C ARG C 13 6.34 7.26 10.58
N PRO C 14 5.59 6.71 11.52
CA PRO C 14 4.16 7.02 11.60
C PRO C 14 3.91 8.47 11.97
N VAL C 15 2.75 8.98 11.53
CA VAL C 15 2.42 10.39 11.75
C VAL C 15 2.32 10.68 13.24
N GLU C 16 1.72 9.78 14.00
CA GLU C 16 1.57 9.98 15.44
C GLU C 16 2.91 10.07 16.15
N GLU C 17 3.98 9.58 15.54
CA GLU C 17 5.32 9.61 16.13
C GLU C 17 6.11 10.85 15.70
N VAL C 18 5.53 11.73 14.90
CA VAL C 18 6.24 12.93 14.45
C VAL C 18 6.15 13.98 15.55
N THR C 19 7.30 14.50 15.96
CA THR C 19 7.40 15.44 17.06
C THR C 19 7.45 16.87 16.54
N GLU C 20 7.16 17.82 17.44
CA GLU C 20 7.26 19.23 17.09
C GLU C 20 8.70 19.63 16.78
N GLU C 21 9.68 18.97 17.41
CA GLU C 21 11.08 19.30 17.16
C GLU C 21 11.47 19.03 15.71
N GLU C 22 10.98 17.92 15.15
CA GLU C 22 11.25 17.63 13.75
C GLU C 22 10.66 18.70 12.85
N ILE C 23 9.42 19.15 13.14
CA ILE C 23 8.80 20.20 12.34
C ILE C 23 9.64 21.47 12.39
N ARG C 24 10.16 21.80 13.57
CA ARG C 24 10.98 23.00 13.70
C ARG C 24 12.26 22.88 12.90
N ASN C 25 12.86 21.69 12.86
CA ASN C 25 14.11 21.45 12.15
C ASN C 25 13.94 21.29 10.65
N ILE C 26 12.76 21.63 10.11
CA ILE C 26 12.58 21.67 8.66
C ILE C 26 13.32 22.88 8.11
N CYS C 27 14.13 22.66 7.09
CA CYS C 27 14.95 23.73 6.54
C CYS C 27 14.10 24.77 5.84
N SER C 28 14.39 26.04 6.10
CA SER C 28 13.67 27.14 5.47
C SER C 28 14.44 27.76 4.31
N ASN C 29 15.71 28.06 4.51
CA ASN C 29 16.55 28.67 3.48
C ASN C 29 17.70 27.75 3.13
N SER C 30 18.07 27.74 1.85
CA SER C 30 19.04 26.79 1.35
C SER C 30 20.41 26.96 2.00
N ARG C 31 20.86 28.21 2.15
CA ARG C 31 22.19 28.45 2.69
C ARG C 31 22.29 28.09 4.17
N GLU C 32 21.18 28.04 4.89
CA GLU C 32 21.18 27.82 6.33
C GLU C 32 21.27 26.35 6.71
N LYS C 33 21.69 25.49 5.78
CA LYS C 33 21.82 24.06 6.07
C LYS C 33 23.09 23.77 6.85
N ILE C 34 23.05 22.67 7.61
CA ILE C 34 24.18 22.19 8.39
C ILE C 34 24.59 20.85 7.80
N TYR C 35 25.81 20.78 7.25
CA TYR C 35 26.33 19.54 6.69
C TYR C 35 26.92 18.67 7.80
N ASN C 36 26.61 17.38 7.76
CA ASN C 36 27.15 16.42 8.72
C ASN C 36 27.22 15.07 8.03
N ARG C 37 28.45 14.56 7.85
CA ARG C 37 28.66 13.29 7.18
C ARG C 37 28.22 12.10 8.02
N SER C 38 27.86 12.31 9.28
CA SER C 38 27.50 11.23 10.19
C SER C 38 26.01 11.24 10.51
N LEU C 39 25.49 12.34 11.06
CA LEU C 39 24.10 12.44 11.46
C LEU C 39 23.20 13.03 10.39
N GLY C 40 23.77 13.49 9.28
CA GLY C 40 22.98 14.15 8.26
C GLY C 40 22.21 13.20 7.37
N SER C 41 21.27 13.76 6.63
CA SER C 41 20.44 13.01 5.69
C SER C 41 20.52 13.66 4.32
N THR C 42 20.60 12.83 3.28
CA THR C 42 20.73 13.32 1.92
C THR C 42 19.36 13.54 1.29
N CYS C 43 19.17 14.71 0.68
CA CYS C 43 17.97 14.99 -0.09
C CYS C 43 18.11 14.39 -1.48
N HIS C 44 17.08 13.68 -1.93
CA HIS C 44 17.13 13.08 -3.26
C HIS C 44 17.29 14.13 -4.36
N GLN C 45 16.67 15.30 -4.18
CA GLN C 45 16.68 16.32 -5.22
C GLN C 45 18.03 17.02 -5.32
N CYS C 46 18.51 17.61 -4.23
CA CYS C 46 19.74 18.40 -4.30
C CYS C 46 20.99 17.61 -3.92
N ARG C 47 20.84 16.44 -3.29
CA ARG C 47 21.96 15.54 -3.00
C ARG C 47 22.95 16.17 -2.02
N GLN C 48 22.43 16.94 -1.07
CA GLN C 48 23.20 17.48 0.04
C GLN C 48 22.86 16.71 1.30
N LYS C 49 23.89 16.20 1.98
CA LYS C 49 23.70 15.42 3.21
C LYS C 49 23.78 16.37 4.39
N THR C 50 22.62 16.74 4.93
CA THR C 50 22.51 17.74 5.99
C THR C 50 21.59 17.24 7.09
N THR C 51 21.53 18.00 8.18
CA THR C 51 20.84 17.57 9.40
C THR C 51 19.39 18.05 9.50
N ASP C 52 18.92 18.84 8.55
CA ASP C 52 17.55 19.33 8.61
C ASP C 52 16.56 18.20 8.33
N THR C 53 15.33 18.38 8.83
CA THR C 53 14.31 17.35 8.72
C THR C 53 13.88 17.17 7.27
N LYS C 54 13.80 15.91 6.84
CA LYS C 54 13.42 15.53 5.48
C LYS C 54 12.12 14.75 5.51
N THR C 55 11.45 14.69 4.36
CA THR C 55 10.22 13.92 4.25
C THR C 55 10.53 12.42 4.32
N ASN C 56 9.48 11.64 4.60
CA ASN C 56 9.59 10.20 4.71
C ASN C 56 8.49 9.56 3.88
N CYS C 57 8.87 8.84 2.82
CA CYS C 57 7.89 8.16 1.99
C CYS C 57 7.23 7.04 2.78
N ARG C 58 5.92 6.89 2.61
CA ARG C 58 5.16 5.89 3.33
C ARG C 58 4.62 4.80 2.43
N ASN C 59 5.10 4.72 1.20
CA ASN C 59 4.81 3.57 0.35
C ASN C 59 5.64 2.38 0.81
N PRO C 60 5.02 1.25 1.17
CA PRO C 60 5.81 0.10 1.63
C PRO C 60 6.80 -0.41 0.60
N ASP C 61 6.53 -0.26 -0.70
CA ASP C 61 7.43 -0.73 -1.73
C ASP C 61 8.59 0.23 -1.99
N CYS C 62 8.60 1.40 -1.37
CA CYS C 62 9.71 2.33 -1.55
C CYS C 62 10.96 1.79 -0.86
N TRP C 63 12.12 2.24 -1.33
CA TRP C 63 13.39 1.77 -0.82
C TRP C 63 14.40 2.90 -0.82
N GLY C 64 15.45 2.73 -0.02
CA GLY C 64 16.55 3.68 -0.06
C GLY C 64 16.16 5.05 0.45
N ILE C 65 16.89 6.07 -0.02
CA ILE C 65 16.70 7.44 0.41
C ILE C 65 15.96 8.27 -0.62
N ARG C 66 15.43 7.64 -1.67
CA ARG C 66 14.81 8.42 -2.75
C ARG C 66 13.52 9.12 -2.30
N GLY C 67 12.98 8.76 -1.14
CA GLY C 67 11.81 9.41 -0.59
C GLY C 67 12.07 10.60 0.29
N GLN C 68 13.32 11.02 0.45
CA GLN C 68 13.69 12.08 1.37
C GLN C 68 13.94 13.38 0.60
N PHE C 69 13.16 14.40 0.93
CA PHE C 69 13.31 15.71 0.31
C PHE C 69 13.40 16.77 1.39
N CYS C 70 14.23 17.78 1.15
CA CYS C 70 14.37 18.87 2.10
C CYS C 70 13.24 19.88 1.91
N GLY C 71 13.13 20.80 2.86
CA GLY C 71 12.11 21.81 2.84
C GLY C 71 12.14 22.66 1.58
N PRO C 72 13.29 23.26 1.27
CA PRO C 72 13.40 24.05 0.03
C PRO C 72 13.04 23.27 -1.23
N CYS C 73 13.48 22.03 -1.34
CA CYS C 73 13.31 21.31 -2.61
C CYS C 73 11.85 20.93 -2.83
N LEU C 74 11.16 20.45 -1.79
CA LEU C 74 9.79 20.02 -1.97
C LEU C 74 8.89 21.17 -2.39
N ARG C 75 9.07 22.34 -1.76
CA ARG C 75 8.22 23.49 -2.09
C ARG C 75 8.63 24.12 -3.41
N ASN C 76 9.92 24.08 -3.77
CA ASN C 76 10.34 24.74 -5.00
C ASN C 76 10.16 23.85 -6.22
N ARG C 77 10.41 22.55 -6.09
CA ARG C 77 10.34 21.65 -7.22
C ARG C 77 9.01 20.92 -7.32
N TYR C 78 8.20 20.90 -6.25
CA TYR C 78 6.92 20.21 -6.31
C TYR C 78 5.78 20.98 -5.65
N GLY C 79 6.03 22.15 -5.08
CA GLY C 79 4.96 22.94 -4.47
C GLY C 79 4.31 22.27 -3.28
N GLU C 80 5.08 21.55 -2.47
CA GLU C 80 4.57 20.87 -1.29
C GLU C 80 5.45 21.21 -0.10
N GLU C 81 4.83 21.24 1.07
CA GLU C 81 5.55 21.52 2.31
C GLU C 81 5.91 20.22 3.01
N VAL C 82 7.09 20.20 3.61
CA VAL C 82 7.56 19.01 4.31
C VAL C 82 6.67 18.71 5.51
N LYS C 83 6.28 19.74 6.25
CA LYS C 83 5.43 19.52 7.43
C LYS C 83 4.13 18.83 7.03
N ASP C 84 3.50 19.29 5.95
CA ASP C 84 2.31 18.62 5.44
C ASP C 84 2.64 17.22 4.94
N ALA C 85 3.81 17.06 4.31
CA ALA C 85 4.25 15.74 3.89
C ALA C 85 4.49 14.83 5.09
N LEU C 86 5.10 15.36 6.15
CA LEU C 86 5.34 14.56 7.34
C LEU C 86 4.05 14.18 8.05
N LEU C 87 3.04 15.05 8.01
CA LEU C 87 1.75 14.80 8.65
C LEU C 87 0.73 14.19 7.70
N ASP C 88 1.13 13.87 6.47
CA ASP C 88 0.25 13.17 5.54
C ASP C 88 0.46 11.67 5.69
N PRO C 89 -0.55 10.90 6.10
CA PRO C 89 -0.36 9.45 6.27
C PRO C 89 -0.22 8.69 4.97
N ASN C 90 -0.65 9.25 3.84
CA ASN C 90 -0.66 8.56 2.56
C ASN C 90 0.36 9.15 1.58
N TRP C 91 1.32 9.92 2.07
CA TRP C 91 2.22 10.65 1.18
C TRP C 91 3.21 9.69 0.52
N HIS C 92 3.31 9.78 -0.80
CA HIS C 92 4.29 9.04 -1.59
C HIS C 92 5.26 10.03 -2.22
N CYS C 93 6.54 9.65 -2.30
CA CYS C 93 7.55 10.54 -2.83
C CYS C 93 7.32 10.76 -4.33
N PRO C 94 7.83 11.87 -4.87
CA PRO C 94 7.67 12.15 -6.31
C PRO C 94 8.24 11.05 -7.19
N PRO C 95 9.36 10.41 -6.82
CA PRO C 95 9.77 9.23 -7.60
C PRO C 95 8.73 8.12 -7.62
N CYS C 96 8.05 7.87 -6.51
CA CYS C 96 6.99 6.87 -6.49
C CYS C 96 5.82 7.29 -7.37
N ARG C 97 5.47 8.57 -7.34
CA ARG C 97 4.43 9.07 -8.23
C ARG C 97 4.89 9.19 -9.67
N GLY C 98 6.18 8.98 -9.93
CA GLY C 98 6.73 9.15 -11.27
C GLY C 98 6.70 10.59 -11.74
N ILE C 99 6.93 11.54 -10.84
CA ILE C 99 6.87 12.95 -11.22
C ILE C 99 8.15 13.67 -10.78
N CYS C 100 9.20 12.91 -10.48
CA CYS C 100 10.43 13.51 -9.98
C CYS C 100 11.12 14.26 -11.12
N ASN C 101 11.33 15.56 -10.94
CA ASN C 101 12.03 16.38 -11.91
C ASN C 101 13.49 16.60 -11.55
N CYS C 102 14.09 15.71 -10.76
CA CYS C 102 15.47 15.89 -10.37
C CYS C 102 16.40 15.69 -11.57
N SER C 103 17.66 16.10 -11.40
CA SER C 103 18.62 16.07 -12.49
C SER C 103 18.76 14.68 -13.10
N PHE C 104 18.56 13.63 -12.30
CA PHE C 104 18.67 12.28 -12.81
C PHE C 104 17.34 11.75 -13.34
N CYS C 105 16.25 11.96 -12.60
CA CYS C 105 14.99 11.30 -12.93
C CYS C 105 14.38 11.83 -14.22
N ARG C 106 14.48 13.13 -14.46
CA ARG C 106 13.87 13.68 -15.68
C ARG C 106 14.62 13.28 -16.94
N GLN C 107 15.81 12.68 -16.82
CA GLN C 107 16.53 12.16 -17.97
C GLN C 107 16.15 10.72 -18.29
N ARG C 108 15.99 9.89 -17.27
CA ARG C 108 15.63 8.49 -17.47
C ARG C 108 14.12 8.31 -17.60
#